data_4LVQ
#
_entry.id   4LVQ
#
_cell.length_a   36.207
_cell.length_b   229.253
_cell.length_c   39.103
_cell.angle_alpha   90.00
_cell.angle_beta   100.03
_cell.angle_gamma   90.00
#
_symmetry.space_group_name_H-M   'P 1 21 1'
#
loop_
_entity.id
_entity.type
_entity.pdbx_description
1 polymer 'Phosphate-binding protein PstS 3'
2 non-polymer 'PHOSPHATE ION'
3 water water
#
_entity_poly.entity_id   1
_entity_poly.type   'polypeptide(L)'
_entity_poly.pdbx_seq_one_letter_code
;MKLNRFGAAVGVLAAGALVLSACGNDDNVTGGGATTGQASAKVDCGGKKTLKASGSTAQANAMTRFVNVFEQACPGQTLN
YTANGSGAGISEFNGNQTDFGGSDVPLSKDEAAAAQRRCGSPAWNLPVVFGPIAVTYNLNSVSSLNLDGPTLAKIFNGSI
TQWNNPAIQALNRDFTLPGERIHVVFRSDESGTTDNFQRYLQAASNGAWGKGAGKSFQGGVGEGARGNDGTSAAAKNTPG
SITYNEWSFAQAQHLTMANIVTSAGGDPVAITIDSVGQTIAGATISGVGNDLVLDTDSFYRPKRPGSYPIVLATYEIVCS
KYPDSQVGTAVKAFLQSTIGAGQSGLGDNGYIPIPDEFKSRLSTAVNAIAHHHHHH
;
_entity_poly.pdbx_strand_id   A,B
#
# COMPACT_ATOMS: atom_id res chain seq x y z
N THR A 50 16.90 -41.96 22.01
CA THR A 50 16.88 -40.51 21.97
C THR A 50 16.49 -40.05 20.57
N LEU A 51 15.23 -39.62 20.42
CA LEU A 51 14.71 -39.13 19.15
C LEU A 51 15.33 -37.82 18.67
N LYS A 52 15.22 -37.56 17.36
CA LYS A 52 15.64 -36.28 16.80
C LYS A 52 14.51 -35.66 15.99
N ALA A 53 14.42 -34.34 16.06
CA ALA A 53 13.29 -33.60 15.54
C ALA A 53 13.64 -32.14 15.37
N SER A 54 12.90 -31.44 14.54
CA SER A 54 13.14 -30.03 14.32
C SER A 54 11.89 -29.41 13.76
N GLY A 55 11.85 -28.08 13.70
CA GLY A 55 10.73 -27.38 13.07
C GLY A 55 10.22 -26.11 13.74
N SER A 56 8.89 -25.96 13.79
CA SER A 56 8.24 -24.70 14.20
C SER A 56 8.76 -24.21 15.55
N THR A 57 8.99 -22.92 15.67
CA THR A 57 9.39 -22.36 16.95
C THR A 57 8.17 -22.11 17.81
N ALA A 58 6.97 -22.03 17.21
CA ALA A 58 5.72 -21.82 17.94
C ALA A 58 5.52 -22.87 19.02
N GLN A 59 5.92 -24.10 18.74
CA GLN A 59 5.82 -25.18 19.72
C GLN A 59 7.10 -25.43 20.56
N ALA A 60 8.01 -24.47 20.60
CA ALA A 60 9.28 -24.64 21.32
C ALA A 60 9.19 -24.63 22.85
N ASN A 61 8.37 -23.74 23.43
CA ASN A 61 8.16 -23.76 24.89
C ASN A 61 7.34 -24.95 25.37
N ALA A 62 6.34 -25.33 24.58
CA ALA A 62 5.58 -26.54 24.84
C ALA A 62 6.46 -27.81 24.80
N MET A 63 7.32 -27.88 23.78
CA MET A 63 8.16 -29.05 23.52
C MET A 63 9.11 -29.30 24.69
N THR A 64 9.55 -28.22 25.35
CA THR A 64 10.38 -28.35 26.54
C THR A 64 9.65 -29.14 27.62
N ARG A 65 8.34 -28.92 27.73
CA ARG A 65 7.46 -29.68 28.62
C ARG A 65 7.13 -31.07 28.07
N PHE A 66 6.92 -31.18 26.76
CA PHE A 66 6.68 -32.48 26.11
C PHE A 66 7.82 -33.46 26.29
N VAL A 67 9.05 -32.96 26.22
CA VAL A 67 10.27 -33.78 26.31
C VAL A 67 10.60 -34.16 27.75
N ASN A 68 10.49 -33.19 28.65
CA ASN A 68 10.62 -33.42 30.10
C ASN A 68 9.62 -34.46 30.61
N VAL A 69 8.36 -34.30 30.24
CA VAL A 69 7.33 -35.27 30.55
C VAL A 69 7.70 -36.62 29.93
N PHE A 70 8.22 -36.57 28.71
CA PHE A 70 8.63 -37.80 28.03
C PHE A 70 9.82 -38.47 28.69
N GLU A 71 10.77 -37.67 29.19
CA GLU A 71 11.99 -38.25 29.75
C GLU A 71 11.70 -38.79 31.13
N GLN A 72 10.59 -38.33 31.69
CA GLN A 72 10.02 -38.96 32.86
C GLN A 72 9.21 -40.21 32.53
N ALA A 73 8.41 -40.12 31.46
CA ALA A 73 7.48 -41.18 31.13
C ALA A 73 8.27 -42.42 30.76
N CYS A 74 9.32 -42.22 29.98
CA CYS A 74 10.13 -43.32 29.50
C CYS A 74 11.55 -43.09 29.99
N PRO A 75 11.88 -43.59 31.20
CA PRO A 75 13.21 -43.35 31.75
C PRO A 75 14.33 -43.86 30.83
N GLY A 76 15.36 -43.02 30.66
CA GLY A 76 16.47 -43.30 29.76
C GLY A 76 16.25 -42.91 28.31
N GLN A 77 15.06 -42.39 27.98
CA GLN A 77 14.82 -41.86 26.63
C GLN A 77 14.53 -40.37 26.65
N THR A 78 15.03 -39.68 25.63
CA THR A 78 14.80 -38.26 25.47
C THR A 78 14.54 -37.93 24.02
N LEU A 79 14.47 -36.63 23.75
CA LEU A 79 14.23 -36.13 22.40
C LEU A 79 15.08 -34.86 22.20
N ASN A 80 15.58 -34.71 20.99
CA ASN A 80 16.38 -33.56 20.60
C ASN A 80 15.55 -32.72 19.66
N TYR A 81 15.19 -31.52 20.08
CA TYR A 81 14.40 -30.66 19.21
C TYR A 81 15.16 -29.43 18.80
N THR A 82 15.30 -29.20 17.50
CA THR A 82 15.86 -27.95 17.02
C THR A 82 14.68 -27.08 16.59
N ALA A 83 14.56 -25.89 17.17
CA ALA A 83 13.48 -24.97 16.89
C ALA A 83 13.87 -24.05 15.75
N ASN A 84 13.48 -24.37 14.53
CA ASN A 84 14.04 -23.69 13.36
C ASN A 84 13.05 -23.28 12.28
N GLY A 85 11.76 -23.36 12.58
CA GLY A 85 10.76 -22.99 11.60
C GLY A 85 10.16 -24.17 10.87
N SER A 86 8.87 -24.06 10.58
CA SER A 86 8.13 -25.08 9.86
C SER A 86 8.83 -25.36 8.53
N GLY A 87 9.27 -24.31 7.85
CA GLY A 87 10.04 -24.42 6.61
C GLY A 87 11.19 -25.41 6.68
N ALA A 88 12.04 -25.26 7.69
CA ALA A 88 13.12 -26.19 8.02
C ALA A 88 12.64 -27.53 8.61
N GLY A 89 11.43 -27.55 9.19
CA GLY A 89 10.86 -28.76 9.73
C GLY A 89 10.43 -29.81 8.71
N ILE A 90 9.77 -29.39 7.63
CA ILE A 90 9.33 -30.31 6.55
C ILE A 90 10.49 -30.76 5.64
N SER A 91 11.38 -29.82 5.30
CA SER A 91 12.54 -30.08 4.48
C SER A 91 13.52 -31.05 5.10
N GLU A 92 13.80 -30.90 6.38
CA GLU A 92 14.71 -31.81 7.04
C GLU A 92 14.08 -33.17 7.24
N PHE A 93 12.77 -33.22 7.49
CA PHE A 93 12.05 -34.50 7.60
C PHE A 93 12.03 -35.24 6.25
N ASN A 94 11.72 -34.51 5.18
CA ASN A 94 11.72 -35.04 3.82
C ASN A 94 13.11 -35.40 3.29
N GLY A 95 14.15 -34.82 3.90
CA GLY A 95 15.53 -35.13 3.55
C GLY A 95 16.11 -36.31 4.32
N ASN A 96 15.26 -36.98 5.08
CA ASN A 96 15.66 -38.09 5.95
C ASN A 96 16.70 -37.63 6.97
N GLN A 97 16.58 -36.39 7.43
CA GLN A 97 17.45 -35.89 8.51
C GLN A 97 16.91 -36.14 9.91
N THR A 98 15.59 -36.11 10.07
CA THR A 98 14.96 -36.21 11.39
C THR A 98 13.89 -37.30 11.45
N ASP A 99 13.45 -37.63 12.67
CA ASP A 99 12.49 -38.71 12.89
C ASP A 99 11.05 -38.22 12.75
N PHE A 100 10.75 -37.07 13.35
CA PHE A 100 9.52 -36.37 13.02
C PHE A 100 9.81 -34.88 12.88
N GLY A 101 8.87 -34.13 12.33
CA GLY A 101 9.02 -32.70 12.12
C GLY A 101 7.82 -31.98 12.69
N GLY A 102 8.06 -30.84 13.31
CA GLY A 102 7.00 -30.02 13.86
C GLY A 102 6.71 -28.84 12.96
N SER A 103 5.45 -28.65 12.60
CA SER A 103 5.10 -27.65 11.59
C SER A 103 3.67 -27.17 11.83
N ASP A 104 3.45 -25.87 11.63
CA ASP A 104 2.17 -25.25 11.87
C ASP A 104 1.28 -25.30 10.66
N VAL A 105 1.88 -25.68 9.53
CA VAL A 105 1.17 -25.90 8.30
C VAL A 105 1.32 -27.39 8.00
N PRO A 106 0.25 -28.06 7.54
CA PRO A 106 0.49 -29.46 7.20
C PRO A 106 1.15 -29.57 5.82
N LEU A 107 1.59 -30.77 5.45
CA LEU A 107 2.26 -30.99 4.17
C LEU A 107 1.35 -30.60 3.01
N SER A 108 1.87 -29.88 2.02
CA SER A 108 1.19 -29.76 0.74
C SER A 108 1.32 -31.08 -0.01
N LYS A 109 0.59 -31.23 -1.11
CA LYS A 109 0.60 -32.47 -1.88
C LYS A 109 1.96 -32.82 -2.48
N ASP A 110 2.79 -31.81 -2.69
CA ASP A 110 4.09 -32.03 -3.28
C ASP A 110 5.07 -32.43 -2.21
N GLU A 111 4.88 -31.90 -1.01
CA GLU A 111 5.69 -32.32 0.11
C GLU A 111 5.23 -33.66 0.67
N ALA A 112 3.94 -33.93 0.55
CA ALA A 112 3.36 -35.21 0.98
C ALA A 112 3.96 -36.38 0.21
N ALA A 113 4.06 -36.25 -1.11
CA ALA A 113 4.75 -37.23 -1.93
C ALA A 113 6.19 -37.38 -1.48
N ALA A 114 6.85 -36.25 -1.23
CA ALA A 114 8.26 -36.22 -0.81
C ALA A 114 8.49 -36.99 0.47
N ALA A 115 7.51 -36.93 1.35
CA ALA A 115 7.57 -37.60 2.63
C ALA A 115 7.24 -39.08 2.46
N GLN A 116 6.39 -39.39 1.49
CA GLN A 116 6.10 -40.77 1.13
C GLN A 116 7.35 -41.53 0.66
N ARG A 117 8.18 -40.89 -0.14
CA ARG A 117 9.44 -41.50 -0.59
C ARG A 117 10.41 -41.54 0.61
N ARG A 118 10.39 -40.48 1.41
CA ARG A 118 11.16 -40.44 2.66
C ARG A 118 10.81 -41.58 3.58
N CYS A 119 9.52 -41.91 3.62
CA CYS A 119 8.98 -42.85 4.59
C CYS A 119 8.89 -44.29 4.05
N GLY A 120 8.69 -44.43 2.75
CA GLY A 120 8.35 -45.71 2.17
C GLY A 120 6.87 -45.98 2.43
N SER A 121 6.21 -44.99 3.04
CA SER A 121 4.82 -45.04 3.47
C SER A 121 4.24 -43.63 3.52
N PRO A 122 2.90 -43.50 3.57
CA PRO A 122 2.39 -42.12 3.66
C PRO A 122 2.69 -41.39 4.99
N ALA A 123 2.89 -40.08 4.91
CA ALA A 123 3.17 -39.25 6.10
C ALA A 123 1.88 -38.68 6.68
N TRP A 124 1.82 -38.60 8.01
CA TRP A 124 0.63 -38.05 8.70
C TRP A 124 0.89 -36.71 9.39
N ASN A 125 -0.10 -35.83 9.29
CA ASN A 125 -0.10 -34.57 10.01
C ASN A 125 -0.88 -34.70 11.33
N LEU A 126 -0.14 -34.77 12.44
CA LEU A 126 -0.72 -35.04 13.75
C LEU A 126 -0.63 -33.81 14.67
N PRO A 127 -1.76 -33.15 14.95
CA PRO A 127 -1.79 -31.92 15.76
C PRO A 127 -1.79 -32.16 17.25
N VAL A 128 -0.96 -31.46 18.03
CA VAL A 128 -0.79 -31.84 19.43
C VAL A 128 -0.95 -30.67 20.41
N VAL A 129 -1.09 -29.46 19.87
CA VAL A 129 -1.20 -28.29 20.71
C VAL A 129 -1.66 -27.16 19.81
N PHE A 130 -2.40 -26.22 20.39
CA PHE A 130 -2.81 -25.04 19.68
C PHE A 130 -1.98 -23.86 20.15
N GLY A 131 -1.66 -22.96 19.22
CA GLY A 131 -0.94 -21.77 19.56
C GLY A 131 -1.68 -20.51 19.20
N PRO A 132 -2.11 -19.77 20.23
CA PRO A 132 -2.72 -18.48 19.93
C PRO A 132 -1.66 -17.56 19.42
N ILE A 133 -1.95 -16.81 18.37
CA ILE A 133 -1.00 -15.87 17.78
C ILE A 133 -1.20 -14.46 18.32
N ALA A 134 -0.30 -13.98 19.15
CA ALA A 134 -0.44 -12.66 19.74
C ALA A 134 0.03 -11.59 18.77
N VAL A 135 -0.63 -10.44 18.79
CA VAL A 135 -0.07 -9.23 18.18
C VAL A 135 0.57 -8.43 19.31
N THR A 136 1.88 -8.57 19.43
CA THR A 136 2.63 -7.90 20.49
C THR A 136 3.10 -6.54 20.00
N TYR A 137 3.15 -5.58 20.92
CA TYR A 137 3.64 -4.22 20.65
C TYR A 137 4.41 -3.65 21.84
N ASN A 138 5.10 -2.55 21.60
CA ASN A 138 5.94 -1.91 22.60
C ASN A 138 5.71 -0.41 22.61
N LEU A 139 4.68 0.03 23.29
CA LEU A 139 4.51 1.44 23.51
C LEU A 139 4.51 1.80 24.99
N ASN A 140 5.41 2.68 25.39
CA ASN A 140 5.52 2.99 26.81
C ASN A 140 4.20 3.56 27.27
N SER A 141 3.76 3.07 28.42
CA SER A 141 2.52 3.46 29.12
C SER A 141 1.27 3.05 28.37
N VAL A 142 1.39 2.16 27.38
CA VAL A 142 0.21 1.69 26.67
C VAL A 142 0.00 0.18 26.92
N SER A 143 -1.09 -0.14 27.63
CA SER A 143 -1.40 -1.50 28.05
C SER A 143 -2.76 -1.92 27.54
N SER A 144 -3.31 -1.13 26.64
CA SER A 144 -4.73 -1.22 26.33
C SER A 144 -5.12 -1.19 24.84
N LEU A 145 -4.21 -1.55 23.95
CA LEU A 145 -4.42 -1.35 22.52
C LEU A 145 -5.48 -2.27 21.90
N ASN A 146 -6.36 -1.69 21.06
CA ASN A 146 -7.29 -2.47 20.23
C ASN A 146 -6.94 -2.32 18.73
N LEU A 147 -7.00 -3.41 18.00
CA LEU A 147 -6.66 -3.42 16.58
C LEU A 147 -7.57 -4.38 15.86
N ASP A 148 -8.04 -4.03 14.67
CA ASP A 148 -8.89 -4.97 13.94
C ASP A 148 -8.17 -5.50 12.71
N GLY A 149 -8.81 -6.44 12.03
CA GLY A 149 -8.24 -7.04 10.84
C GLY A 149 -7.79 -5.98 9.86
N PRO A 150 -8.73 -5.14 9.38
CA PRO A 150 -8.30 -4.15 8.38
C PRO A 150 -7.16 -3.20 8.82
N THR A 151 -7.13 -2.64 10.02
CA THR A 151 -5.97 -1.79 10.34
C THR A 151 -4.75 -2.60 10.71
N LEU A 152 -4.92 -3.87 11.06
CA LEU A 152 -3.78 -4.72 11.31
C LEU A 152 -3.14 -5.20 9.99
N ALA A 153 -3.94 -5.33 8.94
CA ALA A 153 -3.39 -5.54 7.60
C ALA A 153 -2.64 -4.33 7.05
N LYS A 154 -3.14 -3.13 7.30
CA LYS A 154 -2.53 -1.93 6.76
C LYS A 154 -1.22 -1.59 7.42
N ILE A 155 -1.08 -1.95 8.69
CA ILE A 155 0.18 -1.82 9.39
C ILE A 155 1.26 -2.76 8.86
N PHE A 156 0.91 -4.04 8.68
CA PHE A 156 1.87 -5.02 8.20
C PHE A 156 2.11 -5.02 6.68
N ASN A 157 1.26 -4.32 5.92
CA ASN A 157 1.61 -4.12 4.53
C ASN A 157 2.16 -2.71 4.30
N GLY A 158 2.35 -1.95 5.38
CA GLY A 158 3.11 -0.73 5.32
C GLY A 158 2.35 0.52 4.92
N SER A 159 1.03 0.38 4.81
CA SER A 159 0.16 1.48 4.42
C SER A 159 0.03 2.45 5.59
N ILE A 160 0.07 1.88 6.80
CA ILE A 160 0.03 2.63 8.06
C ILE A 160 1.39 2.68 8.74
N THR A 161 1.93 3.87 8.88
CA THR A 161 3.29 4.02 9.38
C THR A 161 3.40 4.77 10.72
N GLN A 162 2.28 5.24 11.24
CA GLN A 162 2.33 5.96 12.49
C GLN A 162 1.25 5.44 13.46
N TRP A 163 1.55 5.49 14.77
CA TRP A 163 0.68 4.97 15.83
C TRP A 163 -0.55 5.80 16.14
N ASN A 164 -0.51 7.11 15.89
CA ASN A 164 -1.72 7.90 16.09
C ASN A 164 -2.49 8.09 14.79
N ASN A 165 -2.21 7.23 13.83
CA ASN A 165 -3.00 7.14 12.61
C ASN A 165 -4.46 6.91 12.98
N PRO A 166 -5.37 7.69 12.37
CA PRO A 166 -6.79 7.71 12.73
C PRO A 166 -7.52 6.36 12.68
N ALA A 167 -7.08 5.43 11.83
CA ALA A 167 -7.63 4.08 11.85
C ALA A 167 -7.29 3.39 13.16
N ILE A 168 -6.07 3.60 13.62
CA ILE A 168 -5.65 3.06 14.91
C ILE A 168 -6.39 3.80 16.07
N GLN A 169 -6.54 5.12 15.92
CA GLN A 169 -7.13 6.00 16.94
C GLN A 169 -8.66 5.87 17.09
N ALA A 170 -9.34 5.58 15.99
CA ALA A 170 -10.78 5.30 16.02
C ALA A 170 -11.10 4.08 16.89
N LEU A 171 -10.20 3.11 16.88
CA LEU A 171 -10.34 1.89 17.66
C LEU A 171 -9.92 2.05 19.12
N ASN A 172 -9.39 3.21 19.46
CA ASN A 172 -8.81 3.44 20.78
C ASN A 172 -9.27 4.78 21.34
N ARG A 173 -10.55 4.77 21.72
CA ARG A 173 -11.33 5.96 22.08
C ARG A 173 -11.07 6.49 23.49
N ASP A 174 -10.61 5.61 24.37
CA ASP A 174 -10.38 5.93 25.77
C ASP A 174 -9.03 6.63 26.05
N PHE A 175 -8.14 6.69 25.04
CA PHE A 175 -6.81 7.33 25.16
C PHE A 175 -6.19 7.81 23.84
N THR A 176 -5.31 8.80 23.94
CA THR A 176 -4.59 9.40 22.82
C THR A 176 -3.29 8.70 22.43
N LEU A 177 -3.18 8.32 21.17
CA LEU A 177 -1.96 7.68 20.70
C LEU A 177 -0.86 8.73 20.44
N PRO A 178 0.41 8.33 20.62
CA PRO A 178 1.57 9.22 20.43
C PRO A 178 1.84 9.43 18.94
N GLY A 179 2.46 10.53 18.55
CA GLY A 179 2.79 10.72 17.14
C GLY A 179 4.14 10.15 16.73
N GLU A 180 4.30 8.86 16.94
CA GLU A 180 5.57 8.22 16.70
C GLU A 180 5.38 7.05 15.75
N ARG A 181 6.45 6.71 15.02
CA ARG A 181 6.48 5.69 13.98
C ARG A 181 6.36 4.21 14.40
N ILE A 182 5.65 3.42 13.58
CA ILE A 182 5.44 2.00 13.89
C ILE A 182 6.59 1.15 13.36
N HIS A 183 7.20 0.32 14.19
CA HIS A 183 8.29 -0.52 13.71
C HIS A 183 7.89 -2.01 13.61
N VAL A 184 7.43 -2.40 12.43
CA VAL A 184 6.97 -3.77 12.17
C VAL A 184 8.14 -4.75 12.27
N VAL A 185 7.97 -5.85 13.01
CA VAL A 185 8.98 -6.90 13.03
C VAL A 185 8.41 -8.18 12.44
N PHE A 186 9.06 -8.77 11.44
CA PHE A 186 8.57 -10.02 10.86
C PHE A 186 9.55 -11.16 11.06
N ARG A 187 9.18 -12.37 10.64
CA ARG A 187 10.09 -13.51 10.69
C ARG A 187 10.95 -13.57 9.43
N SER A 188 12.26 -13.73 9.58
CA SER A 188 13.12 -13.72 8.40
C SER A 188 13.28 -15.13 7.81
N ASP A 189 12.89 -16.16 8.55
CA ASP A 189 13.00 -17.53 8.05
C ASP A 189 11.63 -18.11 7.68
N GLU A 190 11.64 -19.30 7.09
CA GLU A 190 10.42 -19.96 6.72
C GLU A 190 9.64 -20.29 7.99
N SER A 191 8.38 -19.89 8.04
CA SER A 191 7.67 -19.79 9.31
C SER A 191 6.20 -20.18 9.19
N GLY A 192 5.73 -20.95 10.16
CA GLY A 192 4.33 -21.32 10.27
C GLY A 192 3.49 -20.30 11.01
N THR A 193 4.07 -19.62 11.99
CA THR A 193 3.40 -18.48 12.59
C THR A 193 3.06 -17.47 11.48
N THR A 194 3.99 -17.28 10.55
CA THR A 194 3.79 -16.31 9.47
C THR A 194 2.74 -16.76 8.47
N ASP A 195 2.68 -18.06 8.17
CA ASP A 195 1.65 -18.59 7.26
C ASP A 195 0.27 -18.37 7.85
N ASN A 196 0.09 -18.84 9.08
CA ASN A 196 -1.22 -18.70 9.71
C ASN A 196 -1.64 -17.23 9.90
N PHE A 197 -0.71 -16.39 10.30
CA PHE A 197 -1.04 -15.01 10.60
C PHE A 197 -1.48 -14.23 9.38
N GLN A 198 -0.82 -14.50 8.26
CA GLN A 198 -1.15 -13.88 6.97
C GLN A 198 -2.47 -14.36 6.38
N ARG A 199 -2.84 -15.60 6.69
CA ARG A 199 -4.13 -16.17 6.33
C ARG A 199 -5.27 -15.54 7.14
N TYR A 200 -4.99 -15.23 8.41
CA TYR A 200 -5.94 -14.47 9.21
C TYR A 200 -6.15 -13.07 8.61
N LEU A 201 -5.07 -12.43 8.20
CA LEU A 201 -5.14 -11.10 7.60
C LEU A 201 -5.88 -11.12 6.28
N GLN A 202 -5.67 -12.15 5.48
CA GLN A 202 -6.42 -12.33 4.25
C GLN A 202 -7.91 -12.48 4.52
N ALA A 203 -8.27 -13.33 5.48
CA ALA A 203 -9.67 -13.64 5.75
C ALA A 203 -10.42 -12.49 6.41
N ALA A 204 -9.80 -11.86 7.40
CA ALA A 204 -10.48 -10.91 8.28
C ALA A 204 -10.32 -9.43 7.94
N SER A 205 -9.57 -9.07 6.90
CA SER A 205 -9.24 -7.64 6.63
C SER A 205 -10.02 -6.98 5.51
N ASN A 206 -11.01 -7.69 4.96
CA ASN A 206 -11.89 -7.14 3.93
C ASN A 206 -11.14 -6.60 2.72
N GLY A 207 -9.97 -7.18 2.45
CA GLY A 207 -9.15 -6.81 1.31
C GLY A 207 -7.97 -5.86 1.52
N ALA A 208 -7.83 -5.28 2.71
CA ALA A 208 -6.83 -4.24 2.97
C ALA A 208 -5.39 -4.77 2.91
N TRP A 209 -5.27 -6.08 3.10
CA TRP A 209 -3.98 -6.76 3.14
C TRP A 209 -3.31 -6.80 1.77
N GLY A 210 -4.01 -7.35 0.77
CA GLY A 210 -3.58 -7.25 -0.61
C GLY A 210 -2.31 -8.05 -0.89
N LYS A 211 -2.00 -9.00 -0.01
CA LYS A 211 -0.76 -9.75 -0.12
C LYS A 211 -1.08 -11.23 -0.05
N GLY A 212 -0.08 -12.07 -0.26
CA GLY A 212 -0.32 -13.50 -0.13
C GLY A 212 -0.06 -13.99 1.27
N ALA A 213 -0.02 -15.30 1.40
CA ALA A 213 0.32 -15.95 2.64
C ALA A 213 1.37 -16.99 2.29
N GLY A 214 1.55 -18.00 3.13
CA GLY A 214 2.62 -18.97 2.90
C GLY A 214 3.71 -18.63 3.88
N LYS A 215 4.84 -19.35 3.82
CA LYS A 215 5.82 -19.30 4.89
C LYS A 215 6.76 -18.11 4.85
N SER A 216 6.67 -17.28 3.83
CA SER A 216 7.48 -16.06 3.83
C SER A 216 6.65 -14.81 3.98
N PHE A 217 7.11 -13.87 4.81
CA PHE A 217 6.36 -12.63 5.05
C PHE A 217 6.16 -11.73 3.83
N GLN A 218 4.90 -11.43 3.51
CA GLN A 218 4.55 -10.68 2.29
C GLN A 218 4.35 -9.21 2.48
N GLY A 219 4.73 -8.68 3.63
CA GLY A 219 4.41 -7.30 3.91
C GLY A 219 5.19 -6.27 3.11
N GLY A 220 6.50 -6.39 3.11
CA GLY A 220 7.28 -5.35 2.51
C GLY A 220 7.34 -4.17 3.48
N VAL A 221 7.44 -4.52 4.76
CA VAL A 221 7.67 -3.53 5.80
C VAL A 221 8.46 -4.11 6.97
N GLY A 222 9.27 -3.29 7.62
CA GLY A 222 9.88 -3.68 8.87
C GLY A 222 11.16 -4.46 8.71
N GLU A 223 11.57 -5.13 9.79
CA GLU A 223 12.81 -5.89 9.77
C GLU A 223 12.58 -7.29 10.28
N GLY A 224 13.40 -8.21 9.81
CA GLY A 224 13.27 -9.58 10.21
C GLY A 224 14.05 -9.93 11.45
N ALA A 225 13.63 -10.99 12.10
CA ALA A 225 14.43 -11.64 13.09
C ALA A 225 14.16 -13.11 12.97
N ARG A 226 14.99 -13.94 13.58
CA ARG A 226 14.93 -15.35 13.26
C ARG A 226 14.19 -16.11 14.36
N GLY A 227 13.17 -16.88 13.96
CA GLY A 227 12.38 -17.62 14.93
C GLY A 227 11.44 -16.79 15.79
N ASN A 228 10.53 -17.46 16.48
CA ASN A 228 9.62 -16.76 17.40
C ASN A 228 10.41 -16.02 18.49
N ASP A 229 11.56 -16.56 18.87
CA ASP A 229 12.39 -15.93 19.89
C ASP A 229 13.10 -14.68 19.36
N GLY A 230 13.46 -14.68 18.09
CA GLY A 230 14.09 -13.53 17.50
C GLY A 230 13.19 -12.30 17.40
N THR A 231 11.89 -12.52 17.20
CA THR A 231 10.98 -11.41 17.02
C THR A 231 10.39 -10.92 18.34
N SER A 232 10.14 -11.83 19.27
CA SER A 232 9.67 -11.43 20.60
C SER A 232 10.73 -10.63 21.36
N ALA A 233 11.97 -11.10 21.29
CA ALA A 233 13.07 -10.43 21.96
C ALA A 233 13.32 -9.05 21.40
N ALA A 234 13.34 -8.94 20.08
CA ALA A 234 13.52 -7.68 19.34
C ALA A 234 12.39 -6.66 19.53
N ALA A 235 11.15 -7.13 19.53
CA ALA A 235 9.99 -6.27 19.77
C ALA A 235 10.07 -5.65 21.15
N LYS A 236 10.48 -6.48 22.11
CA LYS A 236 10.68 -6.03 23.47
C LYS A 236 11.79 -4.97 23.45
N ASN A 237 12.77 -5.15 22.57
CA ASN A 237 13.95 -4.28 22.52
C ASN A 237 13.87 -3.08 21.57
N THR A 238 12.80 -3.00 20.80
CA THR A 238 12.62 -1.94 19.81
C THR A 238 11.40 -1.14 20.19
N PRO A 239 11.61 0.04 20.75
CA PRO A 239 10.38 0.76 21.07
C PRO A 239 9.64 1.19 19.82
N GLY A 240 8.33 1.19 19.91
CA GLY A 240 7.47 1.48 18.76
C GLY A 240 7.14 0.24 17.98
N SER A 241 7.63 -0.92 18.43
CA SER A 241 7.55 -2.14 17.66
C SER A 241 6.17 -2.80 17.62
N ILE A 242 5.93 -3.53 16.53
CA ILE A 242 4.74 -4.36 16.34
C ILE A 242 5.13 -5.68 15.67
N THR A 243 4.71 -6.81 16.25
CA THR A 243 5.03 -8.09 15.63
C THR A 243 3.96 -9.13 15.93
N TYR A 244 4.22 -10.38 15.55
CA TYR A 244 3.29 -11.47 15.75
C TYR A 244 4.01 -12.66 16.38
N ASN A 245 3.52 -13.14 17.52
CA ASN A 245 4.13 -14.25 18.28
C ASN A 245 3.14 -15.28 18.80
N GLU A 246 3.58 -16.53 18.91
CA GLU A 246 2.80 -17.52 19.64
C GLU A 246 2.77 -17.08 21.09
N TRP A 247 1.67 -17.40 21.76
CA TRP A 247 1.35 -16.94 23.11
C TRP A 247 2.51 -17.09 24.11
N SER A 248 3.25 -18.21 24.04
CA SER A 248 4.31 -18.49 25.02
C SER A 248 5.45 -17.48 24.95
N PHE A 249 5.73 -17.01 23.75
CA PHE A 249 6.82 -16.09 23.57
C PHE A 249 6.44 -14.68 24.02
N ALA A 250 5.17 -14.33 23.91
CA ALA A 250 4.73 -12.98 24.27
C ALA A 250 4.66 -12.82 25.78
N GLN A 251 4.42 -13.95 26.44
CA GLN A 251 4.35 -14.00 27.89
C GLN A 251 5.69 -13.95 28.59
N ALA A 252 6.62 -14.80 28.16
CA ALA A 252 7.89 -14.95 28.86
C ALA A 252 8.81 -13.74 28.62
N GLN A 253 8.47 -12.93 27.60
CA GLN A 253 9.17 -11.67 27.36
C GLN A 253 8.40 -10.52 27.97
N HIS A 254 7.18 -10.80 28.41
CA HIS A 254 6.35 -9.80 29.06
C HIS A 254 6.06 -8.65 28.10
N LEU A 255 5.52 -9.01 26.94
CA LEU A 255 5.11 -8.08 25.93
C LEU A 255 3.63 -7.79 26.10
N THR A 256 3.24 -6.53 26.00
CA THR A 256 1.84 -6.16 25.87
C THR A 256 1.28 -6.80 24.59
N MET A 257 0.05 -7.28 24.65
CA MET A 257 -0.60 -7.94 23.52
C MET A 257 -1.84 -7.14 23.11
N ALA A 258 -2.08 -7.03 21.80
CA ALA A 258 -3.22 -6.25 21.32
C ALA A 258 -4.55 -6.98 21.50
N ASN A 259 -5.58 -6.25 21.93
CA ASN A 259 -6.95 -6.73 21.91
C ASN A 259 -7.44 -6.67 20.47
N ILE A 260 -7.99 -7.76 19.96
CA ILE A 260 -8.36 -7.85 18.54
C ILE A 260 -9.87 -7.71 18.28
N VAL A 261 -10.26 -6.56 17.71
CA VAL A 261 -11.64 -6.28 17.35
C VAL A 261 -12.06 -7.23 16.20
N THR A 262 -13.27 -7.77 16.30
CA THR A 262 -13.66 -8.98 15.61
C THR A 262 -14.86 -8.74 14.66
N SER A 263 -15.13 -9.66 13.75
CA SER A 263 -16.36 -9.69 12.96
C SER A 263 -17.64 -9.87 13.80
N ALA A 264 -17.49 -10.41 15.00
CA ALA A 264 -18.61 -10.75 15.88
C ALA A 264 -19.13 -9.57 16.71
N GLY A 265 -18.43 -8.44 16.66
CA GLY A 265 -18.74 -7.34 17.56
C GLY A 265 -18.20 -7.71 18.93
N GLY A 266 -16.96 -8.18 18.92
CA GLY A 266 -16.24 -8.50 20.14
C GLY A 266 -14.94 -7.74 20.23
N ASP A 267 -14.41 -7.66 21.46
CA ASP A 267 -13.10 -7.03 21.70
C ASP A 267 -12.22 -7.85 22.67
N PRO A 268 -11.82 -9.08 22.25
CA PRO A 268 -11.14 -10.09 23.09
C PRO A 268 -9.61 -10.01 23.21
N VAL A 269 -9.19 -10.21 24.45
CA VAL A 269 -7.83 -10.53 24.83
C VAL A 269 -7.66 -12.03 24.58
N ALA A 270 -6.44 -12.57 24.49
CA ALA A 270 -6.28 -14.02 24.52
C ALA A 270 -6.52 -14.55 25.93
N ILE A 271 -7.48 -15.45 26.08
CA ILE A 271 -7.71 -16.17 27.35
C ILE A 271 -8.12 -17.60 27.00
N THR A 272 -8.10 -18.48 27.98
CA THR A 272 -8.53 -19.85 27.76
C THR A 272 -9.92 -19.95 27.12
N ILE A 273 -10.89 -19.22 27.64
CA ILE A 273 -12.27 -19.37 27.20
C ILE A 273 -12.52 -18.86 25.78
N ASP A 274 -11.82 -17.81 25.37
CA ASP A 274 -12.07 -17.24 24.04
C ASP A 274 -11.18 -17.81 22.92
N SER A 275 -10.08 -18.47 23.26
CA SER A 275 -9.38 -19.28 22.26
C SER A 275 -10.14 -20.59 21.99
N VAL A 276 -10.49 -21.32 23.04
CA VAL A 276 -11.33 -22.51 22.90
C VAL A 276 -12.59 -22.25 22.08
N GLY A 277 -13.32 -21.21 22.45
CA GLY A 277 -14.50 -20.74 21.74
C GLY A 277 -14.35 -20.79 20.23
N GLN A 278 -13.18 -20.37 19.77
CA GLN A 278 -12.74 -20.36 18.38
C GLN A 278 -12.43 -21.77 17.91
N THR A 279 -11.61 -22.43 18.73
CA THR A 279 -11.03 -23.74 18.44
C THR A 279 -12.18 -24.71 18.23
N ILE A 280 -13.29 -24.39 18.88
CA ILE A 280 -14.53 -25.18 18.84
C ILE A 280 -15.03 -25.49 17.41
N ALA A 281 -14.97 -24.50 16.52
CA ALA A 281 -15.51 -24.69 15.18
C ALA A 281 -14.49 -25.22 14.18
N GLY A 282 -13.31 -25.61 14.66
CA GLY A 282 -12.32 -26.22 13.79
C GLY A 282 -12.65 -27.68 13.59
N ALA A 283 -12.51 -28.15 12.35
CA ALA A 283 -12.92 -29.51 12.01
C ALA A 283 -11.69 -30.39 11.89
N THR A 284 -11.76 -31.56 12.51
CA THR A 284 -10.70 -32.56 12.48
C THR A 284 -10.84 -33.34 11.18
N ILE A 285 -11.77 -32.87 10.39
CA ILE A 285 -11.85 -33.15 8.96
C ILE A 285 -11.11 -31.89 8.53
N SER A 286 -10.11 -31.94 7.66
CA SER A 286 -10.08 -32.58 6.35
C SER A 286 -9.68 -34.03 6.23
N GLY A 287 -8.58 -34.41 6.89
CA GLY A 287 -7.81 -35.61 6.60
C GLY A 287 -8.62 -36.89 6.50
N VAL A 288 -8.09 -37.91 5.86
CA VAL A 288 -8.94 -39.00 5.39
C VAL A 288 -9.44 -40.17 6.31
N GLY A 289 -8.68 -40.75 7.24
CA GLY A 289 -7.32 -40.44 7.60
C GLY A 289 -7.00 -40.62 9.06
N ASN A 290 -5.78 -41.09 9.31
CA ASN A 290 -5.15 -40.99 10.62
C ASN A 290 -4.31 -39.75 10.45
N ASP A 291 -4.55 -39.13 9.30
CA ASP A 291 -3.89 -37.91 8.88
C ASP A 291 -4.81 -36.76 9.23
N LEU A 292 -4.72 -36.31 10.47
CA LEU A 292 -5.69 -35.37 11.02
C LEU A 292 -5.40 -33.92 10.60
N VAL A 293 -5.37 -33.66 9.30
CA VAL A 293 -5.24 -32.29 8.83
C VAL A 293 -6.47 -31.52 9.28
N LEU A 294 -6.27 -30.36 9.89
CA LEU A 294 -7.40 -29.62 10.44
C LEU A 294 -7.88 -28.53 9.50
N ASP A 295 -9.17 -28.21 9.63
CA ASP A 295 -9.73 -27.07 8.96
C ASP A 295 -10.08 -26.00 9.99
N THR A 296 -9.36 -24.90 9.93
CA THR A 296 -9.51 -23.82 10.89
C THR A 296 -9.97 -22.54 10.22
N ASP A 297 -10.57 -22.65 9.03
CA ASP A 297 -10.98 -21.45 8.29
C ASP A 297 -12.05 -20.62 9.02
N SER A 298 -12.82 -21.29 9.86
CA SER A 298 -13.87 -20.64 10.63
C SER A 298 -13.31 -19.69 11.67
N PHE A 299 -12.03 -19.84 11.96
CA PHE A 299 -11.39 -19.11 13.05
C PHE A 299 -11.37 -17.57 12.88
N TYR A 300 -11.21 -17.09 11.67
CA TYR A 300 -10.77 -15.72 11.45
C TYR A 300 -11.89 -14.72 11.26
N ARG A 301 -13.11 -15.21 11.03
CA ARG A 301 -14.31 -14.38 11.03
C ARG A 301 -15.41 -15.03 11.85
N PRO A 302 -15.27 -15.04 13.19
CA PRO A 302 -16.25 -15.72 14.03
C PRO A 302 -17.53 -14.92 14.11
N LYS A 303 -18.65 -15.57 14.42
CA LYS A 303 -19.91 -14.87 14.59
C LYS A 303 -20.29 -14.81 16.07
N ARG A 304 -19.65 -15.64 16.88
CA ARG A 304 -19.92 -15.70 18.30
C ARG A 304 -18.93 -14.81 19.06
N PRO A 305 -19.41 -13.69 19.60
CA PRO A 305 -18.50 -12.68 20.19
C PRO A 305 -17.65 -13.16 21.34
N GLY A 306 -16.60 -12.40 21.63
CA GLY A 306 -15.66 -12.76 22.66
C GLY A 306 -14.95 -14.02 22.28
N SER A 307 -14.81 -14.24 20.98
CA SER A 307 -13.98 -15.30 20.48
C SER A 307 -12.72 -14.65 19.95
N TYR A 308 -11.54 -15.21 20.27
CA TYR A 308 -10.26 -14.69 19.79
C TYR A 308 -9.82 -15.37 18.52
N PRO A 309 -9.69 -14.60 17.42
CA PRO A 309 -9.62 -15.16 16.07
C PRO A 309 -8.27 -15.67 15.52
N ILE A 310 -7.12 -15.33 16.11
CA ILE A 310 -5.84 -15.72 15.51
C ILE A 310 -5.20 -16.90 16.23
N VAL A 311 -5.42 -18.11 15.72
CA VAL A 311 -4.97 -19.32 16.38
C VAL A 311 -4.34 -20.28 15.36
N LEU A 312 -3.18 -20.82 15.71
CA LEU A 312 -2.60 -21.89 14.91
C LEU A 312 -2.60 -23.23 15.65
N ALA A 313 -2.42 -24.32 14.92
CA ALA A 313 -2.16 -25.63 15.48
C ALA A 313 -0.82 -26.09 14.98
N THR A 314 -0.03 -26.72 15.85
CA THR A 314 1.26 -27.23 15.44
C THR A 314 1.22 -28.73 15.26
N TYR A 315 1.67 -29.21 14.12
CA TYR A 315 1.62 -30.64 13.82
C TYR A 315 2.97 -31.31 14.05
N GLU A 316 2.94 -32.59 14.43
CA GLU A 316 4.12 -33.43 14.28
C GLU A 316 3.92 -34.21 12.97
N ILE A 317 4.90 -34.13 12.08
CA ILE A 317 4.76 -34.79 10.79
C ILE A 317 5.51 -36.12 10.82
N VAL A 318 4.79 -37.23 10.72
CA VAL A 318 5.40 -38.54 10.89
C VAL A 318 5.03 -39.55 9.80
N CYS A 319 5.82 -40.60 9.74
CA CYS A 319 5.56 -41.72 8.86
C CYS A 319 4.44 -42.55 9.45
N SER A 320 3.44 -42.88 8.66
CA SER A 320 2.56 -43.95 9.09
C SER A 320 3.44 -45.13 9.47
N LYS A 321 4.17 -45.67 8.49
CA LYS A 321 5.14 -46.74 8.73
C LYS A 321 6.55 -46.23 8.44
N TYR A 322 7.37 -46.24 9.48
CA TYR A 322 8.76 -45.88 9.38
C TYR A 322 9.45 -47.07 8.75
N PRO A 323 10.48 -46.83 7.93
CA PRO A 323 11.26 -47.97 7.43
C PRO A 323 11.83 -48.77 8.59
N ASP A 324 12.22 -48.06 9.63
CA ASP A 324 12.86 -48.72 10.77
C ASP A 324 11.89 -48.89 11.96
N SER A 325 11.76 -50.13 12.42
CA SER A 325 11.02 -50.52 13.62
C SER A 325 11.31 -49.69 14.88
N GLN A 326 12.59 -49.51 15.18
CA GLN A 326 13.03 -48.82 16.40
C GLN A 326 12.65 -47.34 16.43
N VAL A 327 12.57 -46.72 15.25
CA VAL A 327 12.20 -45.31 15.15
C VAL A 327 10.71 -45.14 15.38
N GLY A 328 9.93 -45.96 14.69
CA GLY A 328 8.48 -45.88 14.76
C GLY A 328 7.90 -46.17 16.12
N THR A 329 8.70 -46.87 16.92
CA THR A 329 8.33 -47.18 18.28
C THR A 329 8.65 -46.02 19.23
N ALA A 330 9.80 -45.37 19.09
CA ALA A 330 10.14 -44.22 19.95
C ALA A 330 9.27 -43.01 19.61
N VAL A 331 8.94 -42.81 18.34
CA VAL A 331 8.08 -41.71 17.92
C VAL A 331 6.65 -41.83 18.48
N LYS A 332 6.10 -43.04 18.49
CA LYS A 332 4.77 -43.28 19.06
C LYS A 332 4.75 -43.08 20.60
N ALA A 333 5.75 -43.57 21.32
CA ALA A 333 5.85 -43.33 22.77
C ALA A 333 5.75 -41.83 23.12
N PHE A 334 6.68 -41.04 22.58
CA PHE A 334 6.67 -39.60 22.73
C PHE A 334 5.27 -39.02 22.46
N LEU A 335 4.63 -39.49 21.39
CA LEU A 335 3.36 -38.92 20.97
C LEU A 335 2.21 -39.45 21.84
N GLN A 336 2.33 -40.67 22.35
CA GLN A 336 1.40 -41.14 23.37
C GLN A 336 1.46 -40.25 24.62
N SER A 337 2.69 -39.95 25.03
CA SER A 337 2.97 -39.04 26.14
C SER A 337 2.54 -37.61 25.81
N THR A 338 2.96 -37.13 24.64
CA THR A 338 2.66 -35.75 24.23
C THR A 338 1.17 -35.43 24.28
N ILE A 339 0.34 -36.38 23.84
CA ILE A 339 -1.09 -36.19 23.85
C ILE A 339 -1.67 -36.61 25.17
N GLY A 340 -0.86 -37.30 25.98
CA GLY A 340 -1.30 -37.75 27.30
C GLY A 340 -1.04 -36.81 28.47
N ALA A 341 -0.09 -37.21 29.31
CA ALA A 341 0.27 -36.41 30.48
C ALA A 341 0.82 -35.05 30.07
N GLY A 342 1.37 -34.99 28.86
CA GLY A 342 2.00 -33.79 28.35
C GLY A 342 1.08 -32.64 27.97
N GLN A 343 -0.21 -32.78 28.22
CA GLN A 343 -1.13 -31.77 27.72
C GLN A 343 -1.68 -30.77 28.74
N SER A 344 -0.99 -30.57 29.87
CA SER A 344 -1.45 -29.58 30.84
C SER A 344 -1.63 -28.21 30.19
N GLY A 345 -0.51 -27.57 29.87
CA GLY A 345 -0.54 -26.22 29.34
C GLY A 345 -1.06 -25.26 30.39
N LEU A 346 -2.26 -24.73 30.13
CA LEU A 346 -2.97 -23.78 31.01
C LEU A 346 -2.39 -22.37 30.97
N GLY A 347 -1.17 -22.26 30.44
CA GLY A 347 -0.39 -21.04 30.56
C GLY A 347 0.00 -20.40 29.24
N ASP A 348 0.80 -21.11 28.47
CA ASP A 348 1.40 -20.55 27.27
C ASP A 348 0.78 -21.08 25.96
N ASN A 349 0.11 -22.22 26.03
CA ASN A 349 -0.44 -22.88 24.85
C ASN A 349 -1.89 -23.30 25.17
N GLY A 350 -2.56 -23.93 24.22
CA GLY A 350 -3.92 -24.41 24.44
C GLY A 350 -4.09 -25.89 24.19
N TYR A 351 -4.40 -26.67 25.23
CA TYR A 351 -4.43 -28.12 25.07
C TYR A 351 -5.49 -28.53 24.04
N ILE A 352 -5.24 -29.65 23.36
CA ILE A 352 -6.23 -30.23 22.44
C ILE A 352 -7.56 -30.58 23.13
N PRO A 353 -8.68 -30.07 22.58
CA PRO A 353 -9.97 -30.35 23.19
C PRO A 353 -10.37 -31.81 22.99
N ILE A 354 -11.41 -32.21 23.71
CA ILE A 354 -11.86 -33.60 23.78
C ILE A 354 -12.50 -34.17 22.47
N PRO A 355 -13.26 -33.37 21.68
CA PRO A 355 -13.86 -34.03 20.51
C PRO A 355 -12.82 -34.49 19.51
N ASP A 356 -11.60 -33.96 19.63
CA ASP A 356 -10.53 -34.29 18.70
C ASP A 356 -9.71 -35.47 19.20
N GLU A 357 -9.74 -35.73 20.51
CA GLU A 357 -8.81 -36.68 21.11
C GLU A 357 -8.96 -38.18 20.84
N PHE A 358 -10.18 -38.68 20.63
CA PHE A 358 -10.30 -40.11 20.34
C PHE A 358 -9.83 -40.38 18.93
N LYS A 359 -9.93 -39.37 18.08
CA LYS A 359 -9.35 -39.43 16.74
C LYS A 359 -7.81 -39.47 16.79
N SER A 360 -7.23 -38.67 17.68
CA SER A 360 -5.77 -38.48 17.79
C SER A 360 -5.09 -39.62 18.54
N ARG A 361 -5.74 -40.12 19.59
CA ARG A 361 -5.24 -41.26 20.34
C ARG A 361 -5.24 -42.49 19.47
N LEU A 362 -6.21 -42.54 18.57
CA LEU A 362 -6.33 -43.64 17.65
C LEU A 362 -5.28 -43.54 16.51
N SER A 363 -4.93 -42.33 16.07
CA SER A 363 -3.92 -42.20 15.03
C SER A 363 -2.46 -42.34 15.52
N THR A 364 -2.16 -41.85 16.70
CA THR A 364 -0.88 -42.07 17.37
C THR A 364 -0.69 -43.55 17.75
N ALA A 365 -1.79 -44.26 17.97
CA ALA A 365 -1.71 -45.68 18.31
C ALA A 365 -1.39 -46.54 17.09
N VAL A 366 -1.55 -45.95 15.90
CA VAL A 366 -1.41 -46.61 14.60
C VAL A 366 -0.02 -46.31 13.94
N ASN A 367 0.79 -45.45 14.54
CA ASN A 367 2.13 -45.18 14.00
C ASN A 367 3.02 -46.43 13.90
N ALA A 368 3.47 -46.72 12.67
CA ALA A 368 4.33 -47.86 12.35
C ALA A 368 3.83 -49.17 12.96
N THR B 50 -12.04 45.18 -9.25
CA THR B 50 -11.51 43.92 -8.76
C THR B 50 -12.17 42.73 -9.45
N LEU B 51 -11.46 42.16 -10.41
CA LEU B 51 -11.93 40.94 -11.05
C LEU B 51 -11.85 39.81 -10.05
N LYS B 52 -12.68 38.79 -10.25
CA LYS B 52 -12.60 37.60 -9.44
C LYS B 52 -12.61 36.35 -10.30
N ALA B 53 -11.95 35.32 -9.80
CA ALA B 53 -11.67 34.11 -10.57
C ALA B 53 -11.36 32.95 -9.64
N SER B 54 -11.43 31.75 -10.19
CA SER B 54 -11.13 30.55 -9.44
C SER B 54 -10.78 29.45 -10.38
N GLY B 55 -10.28 28.35 -9.85
CA GLY B 55 -10.02 27.19 -10.67
C GLY B 55 -8.67 26.53 -10.43
N SER B 56 -7.99 26.22 -11.52
CA SER B 56 -6.80 25.41 -11.50
C SER B 56 -5.82 25.85 -10.42
N THR B 57 -5.32 24.88 -9.66
CA THR B 57 -4.26 25.11 -8.70
C THR B 57 -2.87 25.03 -9.34
N ALA B 58 -2.79 24.36 -10.50
CA ALA B 58 -1.54 24.22 -11.26
C ALA B 58 -0.95 25.56 -11.63
N GLN B 59 -1.85 26.49 -11.98
CA GLN B 59 -1.47 27.86 -12.35
C GLN B 59 -1.57 28.85 -11.21
N ALA B 60 -1.59 28.36 -9.98
CA ALA B 60 -1.77 29.26 -8.83
C ALA B 60 -0.58 30.22 -8.63
N ASN B 61 0.63 29.70 -8.82
CA ASN B 61 1.85 30.48 -8.74
C ASN B 61 2.05 31.44 -9.92
N ALA B 62 1.66 30.96 -11.09
CA ALA B 62 1.64 31.77 -12.31
C ALA B 62 0.73 32.98 -12.11
N MET B 63 -0.44 32.74 -11.52
CA MET B 63 -1.41 33.80 -11.32
C MET B 63 -0.96 34.95 -10.45
N THR B 64 -0.21 34.64 -9.38
CA THR B 64 0.29 35.68 -8.48
C THR B 64 1.13 36.67 -9.25
N ARG B 65 1.84 36.16 -10.23
CA ARG B 65 2.68 37.00 -11.05
C ARG B 65 1.87 37.78 -12.09
N PHE B 66 0.93 37.11 -12.77
CA PHE B 66 0.13 37.76 -13.80
C PHE B 66 -0.60 38.92 -13.18
N VAL B 67 -1.04 38.72 -11.94
CA VAL B 67 -1.86 39.71 -11.27
C VAL B 67 -0.94 40.86 -10.92
N ASN B 68 0.26 40.52 -10.45
CA ASN B 68 1.30 41.49 -10.18
C ASN B 68 1.65 42.31 -11.44
N VAL B 69 1.86 41.62 -12.56
CA VAL B 69 2.01 42.26 -13.86
C VAL B 69 0.74 43.06 -14.23
N PHE B 70 -0.44 42.52 -13.93
CA PHE B 70 -1.68 43.21 -14.27
C PHE B 70 -1.89 44.52 -13.54
N GLU B 71 -1.59 44.56 -12.24
CA GLU B 71 -1.89 45.75 -11.47
C GLU B 71 -0.81 46.86 -11.55
N GLN B 72 0.40 46.56 -12.02
CA GLN B 72 1.27 47.66 -12.41
C GLN B 72 0.76 48.27 -13.71
N ALA B 73 0.32 47.38 -14.61
CA ALA B 73 0.02 47.74 -15.99
C ALA B 73 -1.10 48.75 -16.21
N CYS B 74 -2.08 48.82 -15.31
CA CYS B 74 -3.24 49.60 -15.68
C CYS B 74 -3.46 50.96 -14.99
N PRO B 75 -2.88 51.24 -13.80
CA PRO B 75 -2.41 50.71 -12.49
C PRO B 75 -3.51 50.18 -11.53
N GLY B 76 -4.50 51.03 -11.26
CA GLY B 76 -5.55 50.83 -10.28
C GLY B 76 -6.46 49.60 -10.24
N GLN B 77 -6.19 48.58 -11.06
CA GLN B 77 -7.06 47.39 -11.12
C GLN B 77 -6.41 46.18 -10.47
N THR B 78 -7.22 45.27 -9.91
CA THR B 78 -6.68 44.06 -9.27
C THR B 78 -7.53 42.85 -9.74
N LEU B 79 -7.13 41.65 -9.32
CA LEU B 79 -7.82 40.41 -9.63
C LEU B 79 -7.70 39.50 -8.42
N ASN B 80 -8.77 38.84 -8.03
CA ASN B 80 -8.64 37.94 -6.91
C ASN B 80 -8.86 36.53 -7.37
N TYR B 81 -7.82 35.72 -7.27
CA TYR B 81 -7.86 34.35 -7.76
C TYR B 81 -7.91 33.31 -6.64
N THR B 82 -8.91 32.44 -6.72
CA THR B 82 -9.03 31.35 -5.77
C THR B 82 -8.40 30.10 -6.36
N ALA B 83 -7.41 29.56 -5.67
CA ALA B 83 -6.73 28.37 -6.16
C ALA B 83 -7.37 27.14 -5.56
N ASN B 84 -8.31 26.54 -6.30
CA ASN B 84 -9.12 25.49 -5.72
C ASN B 84 -9.42 24.28 -6.61
N GLY B 85 -8.70 24.15 -7.73
CA GLY B 85 -8.89 23.04 -8.65
C GLY B 85 -9.74 23.39 -9.86
N SER B 86 -9.40 22.82 -11.01
CA SER B 86 -10.10 23.07 -12.27
C SER B 86 -11.59 22.79 -12.20
N GLY B 87 -11.94 21.63 -11.66
CA GLY B 87 -13.32 21.25 -11.43
C GLY B 87 -14.09 22.37 -10.77
N ALA B 88 -13.51 22.92 -9.71
CA ALA B 88 -14.09 24.03 -8.95
C ALA B 88 -14.15 25.36 -9.71
N GLY B 89 -13.22 25.60 -10.63
CA GLY B 89 -13.23 26.80 -11.45
C GLY B 89 -14.33 26.84 -12.49
N ILE B 90 -14.60 25.67 -13.04
CA ILE B 90 -15.62 25.49 -14.05
C ILE B 90 -17.03 25.58 -13.48
N SER B 91 -17.28 24.92 -12.34
CA SER B 91 -18.59 24.95 -11.67
C SER B 91 -18.96 26.33 -11.17
N GLU B 92 -18.00 27.04 -10.59
CA GLU B 92 -18.23 28.39 -10.05
C GLU B 92 -18.42 29.47 -11.13
N PHE B 93 -17.67 29.37 -12.23
CA PHE B 93 -17.83 30.24 -13.41
C PHE B 93 -19.14 30.04 -14.16
N ASN B 94 -19.46 28.76 -14.38
CA ASN B 94 -20.72 28.37 -14.97
C ASN B 94 -21.84 28.75 -14.01
N GLY B 95 -21.49 28.95 -12.75
CA GLY B 95 -22.40 29.50 -11.76
C GLY B 95 -22.40 31.01 -11.58
N ASN B 96 -21.62 31.71 -12.41
CA ASN B 96 -21.47 33.18 -12.36
C ASN B 96 -21.06 33.66 -10.98
N GLN B 97 -20.23 32.88 -10.31
CA GLN B 97 -19.65 33.30 -9.05
C GLN B 97 -18.41 34.12 -9.34
N THR B 98 -17.80 33.82 -10.49
CA THR B 98 -16.54 34.41 -10.94
C THR B 98 -16.68 34.99 -12.35
N ASP B 99 -15.68 35.77 -12.78
CA ASP B 99 -15.69 36.41 -14.09
C ASP B 99 -15.07 35.52 -15.16
N PHE B 100 -13.95 34.90 -14.83
CA PHE B 100 -13.40 33.83 -15.65
C PHE B 100 -12.89 32.73 -14.75
N GLY B 101 -12.65 31.55 -15.32
CA GLY B 101 -12.22 30.42 -14.53
C GLY B 101 -10.95 29.83 -15.08
N GLY B 102 -10.07 29.35 -14.20
CA GLY B 102 -8.80 28.74 -14.62
C GLY B 102 -8.86 27.23 -14.60
N SER B 103 -8.41 26.57 -15.68
CA SER B 103 -8.53 25.12 -15.82
C SER B 103 -7.50 24.53 -16.78
N ASP B 104 -7.03 23.31 -16.47
CA ASP B 104 -6.03 22.64 -17.27
C ASP B 104 -6.64 21.78 -18.37
N VAL B 105 -7.94 21.55 -18.28
CA VAL B 105 -8.70 20.82 -19.29
C VAL B 105 -9.72 21.81 -19.84
N PRO B 106 -10.01 21.79 -21.14
CA PRO B 106 -11.07 22.71 -21.53
C PRO B 106 -12.48 22.17 -21.20
N LEU B 107 -13.50 23.00 -21.40
CA LEU B 107 -14.89 22.61 -21.11
C LEU B 107 -15.31 21.38 -21.90
N SER B 108 -15.99 20.44 -21.25
CA SER B 108 -16.67 19.37 -21.97
C SER B 108 -17.87 19.93 -22.74
N LYS B 109 -18.44 19.09 -23.60
CA LYS B 109 -19.51 19.48 -24.51
C LYS B 109 -20.74 19.99 -23.76
N ASP B 110 -20.92 19.44 -22.56
CA ASP B 110 -22.05 19.76 -21.68
C ASP B 110 -21.77 20.89 -20.70
N GLU B 111 -20.52 21.04 -20.30
CA GLU B 111 -20.11 22.20 -19.49
C GLU B 111 -20.03 23.46 -20.33
N ALA B 112 -19.75 23.29 -21.62
CA ALA B 112 -19.75 24.37 -22.60
C ALA B 112 -21.12 25.02 -22.83
N ALA B 113 -22.15 24.21 -22.97
CA ALA B 113 -23.51 24.73 -23.08
C ALA B 113 -23.88 25.53 -21.83
N ALA B 114 -23.55 24.97 -20.67
CA ALA B 114 -23.81 25.61 -19.39
C ALA B 114 -23.12 26.96 -19.29
N ALA B 115 -21.94 27.06 -19.89
CA ALA B 115 -21.20 28.31 -19.92
C ALA B 115 -21.81 29.25 -20.96
N GLN B 116 -22.31 28.69 -22.06
CA GLN B 116 -23.05 29.47 -23.05
C GLN B 116 -24.26 30.14 -22.46
N ARG B 117 -24.99 29.38 -21.68
CA ARG B 117 -26.17 29.90 -21.02
C ARG B 117 -25.76 30.81 -19.87
N ARG B 118 -24.71 30.43 -19.14
CA ARG B 118 -24.25 31.25 -18.04
C ARG B 118 -23.80 32.62 -18.54
N CYS B 119 -23.24 32.63 -19.75
CA CYS B 119 -22.67 33.83 -20.33
C CYS B 119 -23.69 34.62 -21.14
N GLY B 120 -24.64 33.92 -21.73
CA GLY B 120 -25.50 34.52 -22.74
C GLY B 120 -24.80 34.54 -24.09
N SER B 121 -23.61 33.95 -24.14
CA SER B 121 -22.76 33.91 -25.33
C SER B 121 -21.86 32.66 -25.24
N PRO B 122 -21.28 32.22 -26.36
CA PRO B 122 -20.40 31.04 -26.31
C PRO B 122 -19.10 31.28 -25.54
N ALA B 123 -18.62 30.23 -24.88
CA ALA B 123 -17.41 30.28 -24.06
C ALA B 123 -16.16 29.90 -24.82
N TRP B 124 -15.08 30.59 -24.49
CA TRP B 124 -13.77 30.35 -25.08
C TRP B 124 -12.72 29.78 -24.11
N ASN B 125 -11.96 28.79 -24.59
CA ASN B 125 -10.82 28.24 -23.88
C ASN B 125 -9.47 28.85 -24.35
N LEU B 126 -8.91 29.76 -23.56
CA LEU B 126 -7.70 30.45 -23.96
C LEU B 126 -6.56 30.00 -23.08
N PRO B 127 -5.62 29.24 -23.64
CA PRO B 127 -4.43 28.77 -22.92
C PRO B 127 -3.36 29.85 -22.86
N VAL B 128 -2.81 30.02 -21.67
CA VAL B 128 -1.99 31.19 -21.33
C VAL B 128 -0.63 30.79 -20.73
N VAL B 129 -0.49 29.50 -20.42
CA VAL B 129 0.73 28.99 -19.79
C VAL B 129 0.75 27.46 -19.84
N PHE B 130 1.94 26.90 -20.01
CA PHE B 130 2.11 25.45 -19.98
C PHE B 130 2.68 25.03 -18.63
N GLY B 131 2.29 23.86 -18.17
CA GLY B 131 2.81 23.33 -16.94
C GLY B 131 3.45 21.97 -17.07
N PRO B 132 4.77 21.89 -16.84
CA PRO B 132 5.34 20.56 -16.81
C PRO B 132 4.79 19.83 -15.59
N ILE B 133 4.39 18.58 -15.75
CA ILE B 133 3.86 17.80 -14.63
C ILE B 133 4.97 16.92 -14.05
N ALA B 134 5.42 17.22 -12.85
CA ALA B 134 6.50 16.45 -12.21
C ALA B 134 5.99 15.17 -11.59
N VAL B 135 6.81 14.14 -11.54
CA VAL B 135 6.59 13.03 -10.63
C VAL B 135 7.52 13.23 -9.45
N THR B 136 7.03 13.74 -8.32
CA THR B 136 7.92 13.98 -7.19
C THR B 136 8.02 12.78 -6.27
N TYR B 137 9.18 12.60 -5.65
CA TYR B 137 9.36 11.53 -4.69
C TYR B 137 10.29 11.97 -3.54
N ASN B 138 10.29 11.18 -2.48
CA ASN B 138 11.05 11.47 -1.27
C ASN B 138 11.75 10.22 -0.81
N LEU B 139 12.91 9.95 -1.40
CA LEU B 139 13.75 8.85 -0.95
C LEU B 139 15.06 9.37 -0.42
N ASN B 140 15.41 8.92 0.78
CA ASN B 140 16.56 9.45 1.45
C ASN B 140 17.84 9.21 0.63
N SER B 141 18.58 10.30 0.38
CA SER B 141 19.84 10.28 -0.36
C SER B 141 19.70 9.88 -1.84
N VAL B 142 18.48 9.87 -2.36
CA VAL B 142 18.27 9.52 -3.77
C VAL B 142 17.77 10.76 -4.53
N SER B 143 18.57 11.20 -5.50
CA SER B 143 18.30 12.42 -6.24
C SER B 143 18.16 12.20 -7.75
N SER B 144 18.19 10.93 -8.17
CA SER B 144 18.36 10.63 -9.58
C SER B 144 17.45 9.55 -10.12
N LEU B 145 16.27 9.36 -9.53
CA LEU B 145 15.44 8.21 -9.86
C LEU B 145 14.92 8.30 -11.30
N ASN B 146 14.97 7.20 -12.05
CA ASN B 146 14.41 7.17 -13.40
C ASN B 146 13.20 6.27 -13.42
N LEU B 147 12.14 6.69 -14.12
CA LEU B 147 10.88 5.95 -14.19
C LEU B 147 10.18 6.12 -15.55
N ASP B 148 9.58 5.05 -16.09
CA ASP B 148 8.84 5.18 -17.35
C ASP B 148 7.32 4.97 -17.21
N GLY B 149 6.61 5.12 -18.32
CA GLY B 149 5.16 5.01 -18.36
C GLY B 149 4.55 3.75 -17.75
N PRO B 150 4.91 2.57 -18.27
CA PRO B 150 4.30 1.34 -17.73
C PRO B 150 4.53 1.16 -16.23
N THR B 151 5.74 1.45 -15.77
CA THR B 151 6.11 1.23 -14.38
C THR B 151 5.48 2.23 -13.42
N LEU B 152 5.22 3.44 -13.89
CA LEU B 152 4.59 4.49 -13.10
C LEU B 152 3.04 4.42 -13.04
N ALA B 153 2.48 3.87 -14.10
CA ALA B 153 1.11 3.46 -14.14
C ALA B 153 0.91 2.31 -13.15
N LYS B 154 1.89 1.42 -13.06
CA LYS B 154 1.80 0.26 -12.18
C LYS B 154 2.01 0.67 -10.72
N ILE B 155 2.76 1.74 -10.49
CA ILE B 155 2.89 2.38 -9.17
C ILE B 155 1.63 3.06 -8.66
N PHE B 156 1.02 3.87 -9.50
CA PHE B 156 -0.15 4.64 -9.10
C PHE B 156 -1.49 3.86 -9.08
N ASN B 157 -1.52 2.66 -9.64
CA ASN B 157 -2.68 1.77 -9.49
C ASN B 157 -2.54 0.60 -8.47
N GLY B 158 -1.43 0.57 -7.75
CA GLY B 158 -1.28 -0.33 -6.62
C GLY B 158 -0.67 -1.67 -6.99
N SER B 159 -0.28 -1.80 -8.25
CA SER B 159 0.33 -3.04 -8.74
C SER B 159 1.77 -3.19 -8.27
N ILE B 160 2.49 -2.08 -8.16
CA ILE B 160 3.83 -2.07 -7.58
C ILE B 160 3.81 -1.35 -6.22
N THR B 161 4.17 -2.06 -5.15
CA THR B 161 4.06 -1.47 -3.81
C THR B 161 5.42 -1.32 -3.15
N GLN B 162 6.49 -1.71 -3.85
CA GLN B 162 7.84 -1.70 -3.29
C GLN B 162 8.83 -0.89 -4.14
N TRP B 163 9.74 -0.18 -3.48
CA TRP B 163 10.73 0.65 -4.17
C TRP B 163 11.87 -0.13 -4.80
N ASN B 164 12.19 -1.31 -4.28
CA ASN B 164 13.17 -2.12 -4.96
C ASN B 164 12.48 -3.13 -5.88
N ASN B 165 11.25 -2.85 -6.28
CA ASN B 165 10.60 -3.62 -7.34
C ASN B 165 11.51 -3.68 -8.55
N PRO B 166 11.71 -4.90 -9.11
CA PRO B 166 12.70 -5.16 -10.16
C PRO B 166 12.51 -4.29 -11.42
N ALA B 167 11.29 -3.84 -11.65
CA ALA B 167 11.02 -2.89 -12.71
C ALA B 167 11.67 -1.54 -12.41
N ILE B 168 11.58 -1.12 -11.16
CA ILE B 168 12.19 0.12 -10.71
C ILE B 168 13.72 0.00 -10.68
N GLN B 169 14.20 -1.16 -10.24
CA GLN B 169 15.61 -1.41 -10.10
C GLN B 169 16.30 -1.51 -11.47
N ALA B 170 15.62 -2.12 -12.44
CA ALA B 170 16.10 -2.15 -13.81
C ALA B 170 16.24 -0.77 -14.40
N LEU B 171 15.40 0.17 -13.97
CA LEU B 171 15.49 1.53 -14.48
C LEU B 171 16.57 2.33 -13.79
N ASN B 172 17.11 1.76 -12.72
CA ASN B 172 18.05 2.49 -11.89
C ASN B 172 19.19 1.59 -11.43
N ARG B 173 20.03 1.24 -12.40
CA ARG B 173 21.00 0.20 -12.24
C ARG B 173 22.25 0.62 -11.47
N ASP B 174 22.46 1.94 -11.33
CA ASP B 174 23.64 2.49 -10.65
C ASP B 174 23.60 2.45 -9.11
N PHE B 175 22.47 2.06 -8.52
CA PHE B 175 22.33 1.98 -7.05
C PHE B 175 21.27 1.01 -6.57
N THR B 176 21.44 0.51 -5.35
CA THR B 176 20.50 -0.44 -4.77
C THR B 176 19.34 0.31 -4.20
N LEU B 177 18.15 0.03 -4.71
CA LEU B 177 16.96 0.70 -4.20
C LEU B 177 16.55 0.01 -2.91
N PRO B 178 15.98 0.78 -1.96
CA PRO B 178 15.54 0.29 -0.65
C PRO B 178 14.24 -0.50 -0.68
N GLY B 179 14.13 -1.44 0.26
CA GLY B 179 12.95 -2.25 0.44
C GLY B 179 11.94 -1.60 1.33
N GLU B 180 11.43 -0.46 0.87
CA GLU B 180 10.50 0.37 1.64
C GLU B 180 9.21 0.47 0.82
N ARG B 181 8.06 0.54 1.47
CA ARG B 181 6.80 0.64 0.74
C ARG B 181 6.57 1.99 0.07
N ILE B 182 5.97 1.97 -1.13
CA ILE B 182 5.70 3.21 -1.86
C ILE B 182 4.43 3.88 -1.32
N HIS B 183 4.55 5.17 -1.00
CA HIS B 183 3.42 5.89 -0.49
C HIS B 183 2.89 6.88 -1.51
N VAL B 184 1.91 6.40 -2.28
CA VAL B 184 1.22 7.18 -3.30
C VAL B 184 0.42 8.30 -2.63
N VAL B 185 0.61 9.51 -3.15
CA VAL B 185 -0.23 10.63 -2.76
C VAL B 185 -0.95 11.15 -4.00
N PHE B 186 -2.27 11.22 -3.95
CA PHE B 186 -3.00 11.75 -5.07
C PHE B 186 -3.79 13.00 -4.69
N ARG B 187 -4.44 13.62 -5.66
CA ARG B 187 -5.29 14.75 -5.36
C ARG B 187 -6.64 14.23 -4.98
N SER B 188 -7.15 14.71 -3.84
CA SER B 188 -8.45 14.27 -3.36
C SER B 188 -9.54 15.17 -3.94
N ASP B 189 -9.14 16.29 -4.54
CA ASP B 189 -10.12 17.22 -5.10
C ASP B 189 -10.16 17.10 -6.60
N GLU B 190 -11.19 17.67 -7.22
CA GLU B 190 -11.30 17.63 -8.67
C GLU B 190 -10.19 18.49 -9.23
N SER B 191 -9.43 17.87 -10.11
CA SER B 191 -8.11 18.35 -10.44
C SER B 191 -7.81 18.14 -11.93
N GLY B 192 -7.20 19.15 -12.54
CA GLY B 192 -6.74 19.12 -13.92
C GLY B 192 -5.36 18.49 -14.05
N THR B 193 -4.52 18.65 -13.02
CA THR B 193 -3.26 17.93 -12.93
C THR B 193 -3.54 16.43 -13.00
N THR B 194 -4.62 16.01 -12.33
CA THR B 194 -5.02 14.61 -12.27
C THR B 194 -5.53 14.09 -13.63
N ASP B 195 -6.25 14.92 -14.36
CA ASP B 195 -6.72 14.53 -15.69
C ASP B 195 -5.54 14.30 -16.62
N ASN B 196 -4.70 15.33 -16.75
CA ASN B 196 -3.53 15.31 -17.64
C ASN B 196 -2.49 14.22 -17.31
N PHE B 197 -2.26 13.96 -16.03
CA PHE B 197 -1.35 12.91 -15.59
C PHE B 197 -1.90 11.52 -15.89
N GLN B 198 -3.19 11.34 -15.65
CA GLN B 198 -3.87 10.07 -15.91
C GLN B 198 -4.04 9.73 -17.40
N ARG B 199 -4.15 10.75 -18.25
CA ARG B 199 -4.16 10.57 -19.71
C ARG B 199 -2.81 10.18 -20.27
N TYR B 200 -1.75 10.73 -19.67
CA TYR B 200 -0.40 10.30 -19.97
C TYR B 200 -0.20 8.84 -19.59
N LEU B 201 -0.71 8.44 -18.43
CA LEU B 201 -0.64 7.05 -17.97
C LEU B 201 -1.43 6.12 -18.90
N GLN B 202 -2.57 6.58 -19.40
CA GLN B 202 -3.26 5.84 -20.43
C GLN B 202 -2.39 5.64 -21.65
N ALA B 203 -1.80 6.74 -22.10
CA ALA B 203 -1.02 6.75 -23.33
C ALA B 203 0.35 6.08 -23.19
N ALA B 204 1.04 6.33 -22.08
CA ALA B 204 2.43 5.96 -22.01
C ALA B 204 2.66 4.60 -21.35
N SER B 205 1.59 3.94 -20.93
CA SER B 205 1.75 2.72 -20.17
C SER B 205 1.45 1.45 -20.94
N ASN B 206 1.10 1.59 -22.22
CA ASN B 206 0.83 0.45 -23.08
C ASN B 206 -0.25 -0.47 -22.52
N GLY B 207 -1.20 0.12 -21.78
CA GLY B 207 -2.32 -0.59 -21.19
C GLY B 207 -2.14 -0.98 -19.74
N ALA B 208 -0.98 -0.69 -19.16
CA ALA B 208 -0.61 -1.13 -17.81
C ALA B 208 -1.43 -0.44 -16.74
N TRP B 209 -1.89 0.77 -17.05
CA TRP B 209 -2.67 1.60 -16.14
C TRP B 209 -4.06 0.99 -15.94
N GLY B 210 -4.74 0.73 -17.05
CA GLY B 210 -5.96 -0.06 -17.09
C GLY B 210 -7.18 0.60 -16.49
N LYS B 211 -7.10 1.91 -16.34
CA LYS B 211 -8.17 2.67 -15.73
C LYS B 211 -8.44 3.89 -16.60
N GLY B 212 -9.42 4.70 -16.23
CA GLY B 212 -9.73 5.91 -16.96
C GLY B 212 -8.92 7.16 -16.64
N ALA B 213 -9.47 8.29 -17.05
CA ALA B 213 -8.84 9.57 -16.80
C ALA B 213 -9.86 10.41 -16.04
N GLY B 214 -9.77 11.73 -16.16
CA GLY B 214 -10.72 12.59 -15.47
C GLY B 214 -10.16 13.26 -14.25
N LYS B 215 -10.97 14.08 -13.59
CA LYS B 215 -10.50 14.96 -12.55
C LYS B 215 -10.39 14.28 -11.18
N SER B 216 -10.82 13.02 -11.07
CA SER B 216 -10.64 12.27 -9.84
C SER B 216 -9.63 11.15 -10.03
N PHE B 217 -8.84 10.90 -8.98
CA PHE B 217 -7.81 9.87 -9.01
C PHE B 217 -8.38 8.47 -9.17
N GLN B 218 -7.94 7.77 -10.23
CA GLN B 218 -8.44 6.45 -10.59
C GLN B 218 -7.58 5.32 -10.04
N GLY B 219 -6.65 5.60 -9.15
CA GLY B 219 -5.73 4.56 -8.75
C GLY B 219 -6.30 3.49 -7.86
N GLY B 220 -6.92 3.91 -6.80
CA GLY B 220 -7.36 3.00 -5.76
C GLY B 220 -6.20 2.56 -4.90
N VAL B 221 -5.25 3.47 -4.69
CA VAL B 221 -4.18 3.24 -3.74
C VAL B 221 -3.77 4.60 -3.23
N GLY B 222 -3.18 4.64 -2.04
CA GLY B 222 -2.56 5.85 -1.56
C GLY B 222 -3.46 6.80 -0.80
N GLU B 223 -2.99 8.02 -0.65
CA GLU B 223 -3.70 8.99 0.15
C GLU B 223 -3.93 10.24 -0.66
N GLY B 224 -5.06 10.89 -0.46
CA GLY B 224 -5.35 12.12 -1.14
C GLY B 224 -4.86 13.26 -0.29
N ALA B 225 -4.61 14.41 -0.91
CA ALA B 225 -4.49 15.70 -0.23
C ALA B 225 -5.00 16.73 -1.20
N ARG B 226 -5.23 17.96 -0.75
CA ARG B 226 -5.96 18.92 -1.56
C ARG B 226 -5.11 19.97 -2.27
N GLY B 227 -5.38 20.16 -3.56
CA GLY B 227 -4.68 21.15 -4.34
C GLY B 227 -3.26 20.73 -4.60
N ASN B 228 -2.58 21.39 -5.54
CA ASN B 228 -1.18 21.06 -5.82
C ASN B 228 -0.29 21.29 -4.62
N ASP B 229 -0.66 22.27 -3.81
CA ASP B 229 0.08 22.61 -2.60
C ASP B 229 -0.08 21.49 -1.57
N GLY B 230 -1.23 20.83 -1.54
CA GLY B 230 -1.47 19.72 -0.64
C GLY B 230 -0.70 18.44 -0.89
N THR B 231 -0.41 18.15 -2.16
CA THR B 231 0.29 16.91 -2.53
C THR B 231 1.80 17.07 -2.56
N SER B 232 2.27 18.24 -2.97
CA SER B 232 3.69 18.56 -2.87
C SER B 232 4.13 18.65 -1.39
N ALA B 233 3.29 19.26 -0.54
CA ALA B 233 3.53 19.34 0.91
C ALA B 233 3.46 17.97 1.60
N ALA B 234 2.48 17.14 1.25
CA ALA B 234 2.38 15.78 1.76
C ALA B 234 3.57 14.92 1.35
N ALA B 235 4.02 15.07 0.09
CA ALA B 235 5.21 14.36 -0.38
C ALA B 235 6.42 14.77 0.42
N LYS B 236 6.53 16.07 0.65
CA LYS B 236 7.65 16.66 1.37
C LYS B 236 7.80 16.16 2.80
N ASN B 237 6.66 15.90 3.46
CA ASN B 237 6.66 15.46 4.86
C ASN B 237 6.66 13.94 5.03
N THR B 238 6.41 13.20 3.96
CA THR B 238 6.28 11.76 4.11
C THR B 238 7.29 11.06 3.24
N PRO B 239 8.31 10.45 3.89
CA PRO B 239 9.32 9.67 3.17
C PRO B 239 8.69 8.45 2.54
N GLY B 240 9.23 8.01 1.40
CA GLY B 240 8.67 6.91 0.67
C GLY B 240 7.59 7.34 -0.30
N SER B 241 7.32 8.65 -0.33
CA SER B 241 6.18 9.18 -1.08
C SER B 241 6.39 9.29 -2.58
N ILE B 242 5.29 9.21 -3.31
CA ILE B 242 5.28 9.50 -4.73
C ILE B 242 3.96 10.20 -5.12
N THR B 243 4.06 11.34 -5.78
CA THR B 243 2.87 12.09 -6.20
C THR B 243 3.13 12.88 -7.49
N TYR B 244 2.14 13.68 -7.90
CA TYR B 244 2.24 14.44 -9.14
C TYR B 244 1.97 15.93 -8.96
N ASN B 245 2.93 16.75 -9.35
CA ASN B 245 2.86 18.19 -9.12
C ASN B 245 3.20 19.04 -10.34
N GLU B 246 2.55 20.19 -10.48
CA GLU B 246 3.00 21.15 -11.46
C GLU B 246 4.39 21.61 -11.04
N TRP B 247 5.23 21.91 -12.01
CA TRP B 247 6.64 22.24 -11.79
C TRP B 247 6.92 23.25 -10.65
N SER B 248 6.05 24.25 -10.50
CA SER B 248 6.26 25.34 -9.52
C SER B 248 6.32 24.89 -8.06
N PHE B 249 5.48 23.91 -7.74
CA PHE B 249 5.33 23.38 -6.39
C PHE B 249 6.47 22.46 -5.99
N ALA B 250 7.02 21.77 -6.96
CA ALA B 250 8.08 20.81 -6.70
C ALA B 250 9.39 21.54 -6.46
N GLN B 251 9.49 22.72 -7.07
CA GLN B 251 10.65 23.57 -6.94
C GLN B 251 10.67 24.28 -5.60
N ALA B 252 9.53 24.86 -5.24
CA ALA B 252 9.42 25.69 -4.03
C ALA B 252 9.37 24.88 -2.73
N GLN B 253 9.04 23.61 -2.85
CA GLN B 253 9.02 22.68 -1.73
C GLN B 253 10.34 21.91 -1.76
N HIS B 254 11.07 22.09 -2.87
CA HIS B 254 12.36 21.48 -3.17
C HIS B 254 12.31 19.95 -3.14
N LEU B 255 11.39 19.44 -3.93
CA LEU B 255 11.22 18.02 -4.06
C LEU B 255 12.06 17.48 -5.19
N THR B 256 12.65 16.34 -4.94
CA THR B 256 13.25 15.56 -5.99
C THR B 256 12.20 15.20 -7.04
N MET B 257 12.57 15.30 -8.33
CA MET B 257 11.67 15.03 -9.45
C MET B 257 12.23 13.86 -10.24
N ALA B 258 11.38 12.94 -10.67
CA ALA B 258 11.84 11.77 -11.39
C ALA B 258 12.19 12.09 -12.83
N ASN B 259 13.33 11.54 -13.29
CA ASN B 259 13.72 11.58 -14.69
C ASN B 259 12.82 10.61 -15.44
N ILE B 260 12.19 11.08 -16.52
CA ILE B 260 11.15 10.28 -17.15
C ILE B 260 11.55 9.60 -18.48
N VAL B 261 11.72 8.28 -18.40
CA VAL B 261 12.03 7.40 -19.53
C VAL B 261 10.84 7.26 -20.50
N THR B 262 11.12 7.41 -21.78
CA THR B 262 10.09 7.72 -22.75
C THR B 262 10.01 6.66 -23.87
N SER B 263 8.91 6.66 -24.63
CA SER B 263 8.81 5.83 -25.81
C SER B 263 9.90 6.14 -26.83
N ALA B 264 10.47 7.33 -26.75
CA ALA B 264 11.44 7.78 -27.76
C ALA B 264 12.79 7.18 -27.52
N GLY B 265 12.96 6.55 -26.36
CA GLY B 265 14.28 6.10 -25.99
C GLY B 265 15.00 7.38 -25.67
N GLY B 266 14.32 8.20 -24.87
CA GLY B 266 14.89 9.41 -24.34
C GLY B 266 14.80 9.25 -22.82
N ASP B 267 15.59 10.00 -22.07
CA ASP B 267 15.47 9.95 -20.62
C ASP B 267 15.58 11.36 -19.98
N PRO B 268 14.60 12.26 -20.28
CA PRO B 268 14.69 13.67 -19.87
C PRO B 268 14.13 14.07 -18.50
N VAL B 269 14.85 14.98 -17.83
CA VAL B 269 14.36 15.76 -16.70
C VAL B 269 13.55 16.95 -17.23
N ALA B 270 12.74 17.61 -16.39
CA ALA B 270 12.07 18.85 -16.79
C ALA B 270 13.08 19.98 -16.99
N ILE B 271 13.10 20.53 -18.21
CA ILE B 271 13.96 21.67 -18.57
C ILE B 271 13.17 22.54 -19.56
N THR B 272 13.55 23.81 -19.75
CA THR B 272 12.92 24.65 -20.77
C THR B 272 12.98 23.99 -22.16
N ILE B 273 14.14 23.50 -22.56
CA ILE B 273 14.32 23.00 -23.93
C ILE B 273 13.58 21.67 -24.24
N ASP B 274 13.42 20.77 -23.26
CA ASP B 274 12.79 19.47 -23.57
C ASP B 274 11.27 19.49 -23.40
N SER B 275 10.79 20.49 -22.66
CA SER B 275 9.38 20.87 -22.62
C SER B 275 9.07 21.53 -23.98
N VAL B 276 9.97 22.42 -24.42
CA VAL B 276 9.97 22.99 -25.77
C VAL B 276 9.86 21.92 -26.86
N GLY B 277 10.73 20.90 -26.79
CA GLY B 277 10.67 19.76 -27.69
C GLY B 277 9.27 19.24 -27.95
N GLN B 278 8.49 19.05 -26.87
CA GLN B 278 7.10 18.59 -26.97
C GLN B 278 6.09 19.64 -27.37
N THR B 279 6.11 20.80 -26.70
CA THR B 279 5.06 21.81 -26.83
C THR B 279 4.84 22.28 -28.26
N ILE B 280 5.90 22.25 -29.05
CA ILE B 280 5.85 22.59 -30.46
C ILE B 280 4.81 21.69 -31.14
N ALA B 281 4.67 20.47 -30.65
CA ALA B 281 3.80 19.50 -31.29
C ALA B 281 2.31 19.58 -30.92
N GLY B 282 1.93 20.54 -30.08
CA GLY B 282 0.52 20.79 -29.76
C GLY B 282 -0.13 21.74 -30.76
N ALA B 283 -1.35 21.45 -31.20
CA ALA B 283 -2.01 22.26 -32.24
C ALA B 283 -3.26 23.03 -31.76
N THR B 284 -3.40 24.31 -32.15
CA THR B 284 -4.64 25.04 -31.84
C THR B 284 -5.67 24.60 -32.85
N ILE B 285 -5.32 23.55 -33.58
CA ILE B 285 -6.26 22.80 -34.38
C ILE B 285 -6.75 21.62 -33.57
N SER B 286 -7.22 21.92 -32.38
CA SER B 286 -8.44 21.30 -31.95
C SER B 286 -9.46 22.38 -32.29
N GLY B 287 -9.26 23.51 -31.64
CA GLY B 287 -10.30 24.51 -31.52
C GLY B 287 -10.79 25.22 -32.76
N VAL B 288 -12.07 25.57 -32.73
CA VAL B 288 -12.74 26.19 -33.87
C VAL B 288 -12.86 27.68 -33.54
N GLY B 289 -12.50 28.52 -34.50
CA GLY B 289 -12.63 29.94 -34.31
C GLY B 289 -11.74 30.52 -33.24
N ASN B 290 -12.35 31.17 -32.25
CA ASN B 290 -11.60 31.65 -31.09
C ASN B 290 -11.63 30.79 -29.81
N ASP B 291 -12.13 29.57 -29.92
CA ASP B 291 -12.10 28.67 -28.77
C ASP B 291 -10.85 27.81 -28.89
N LEU B 292 -9.73 28.31 -28.37
CA LEU B 292 -8.45 27.71 -28.67
C LEU B 292 -8.16 26.43 -27.89
N VAL B 293 -9.04 25.44 -28.01
CA VAL B 293 -8.77 24.12 -27.42
C VAL B 293 -7.54 23.51 -28.11
N LEU B 294 -6.59 22.96 -27.34
CA LEU B 294 -5.37 22.40 -27.90
C LEU B 294 -5.43 20.86 -28.02
N ASP B 295 -4.70 20.29 -28.97
CA ASP B 295 -4.52 18.84 -29.08
C ASP B 295 -3.10 18.49 -28.62
N THR B 296 -2.99 17.84 -27.46
CA THR B 296 -1.69 17.55 -26.85
C THR B 296 -1.42 16.05 -26.77
N ASP B 297 -2.13 15.26 -27.57
CA ASP B 297 -2.00 13.83 -27.50
C ASP B 297 -0.61 13.36 -27.94
N SER B 298 0.04 14.17 -28.78
CA SER B 298 1.40 13.86 -29.25
C SER B 298 2.41 13.90 -28.12
N PHE B 299 2.00 14.49 -27.00
CA PHE B 299 2.88 14.72 -25.86
C PHE B 299 3.42 13.45 -25.22
N TYR B 300 2.61 12.40 -25.14
CA TYR B 300 2.89 11.36 -24.16
C TYR B 300 3.74 10.24 -24.72
N ARG B 301 3.82 10.15 -26.03
CA ARG B 301 4.71 9.19 -26.68
C ARG B 301 5.46 9.83 -27.83
N PRO B 302 6.48 10.66 -27.53
CA PRO B 302 7.22 11.43 -28.52
C PRO B 302 8.19 10.58 -29.32
N LYS B 303 8.59 11.04 -30.50
CA LYS B 303 9.56 10.33 -31.32
C LYS B 303 10.95 10.97 -31.28
N ARG B 304 11.02 12.22 -30.84
CA ARG B 304 12.29 12.92 -30.78
C ARG B 304 12.90 12.88 -29.38
N PRO B 305 14.00 12.13 -29.21
CA PRO B 305 14.63 12.23 -27.89
C PRO B 305 15.29 13.61 -27.74
N GLY B 306 15.44 14.12 -26.52
CA GLY B 306 14.75 13.64 -25.35
C GLY B 306 13.73 14.71 -25.06
N SER B 307 12.49 14.41 -25.44
CA SER B 307 11.32 15.25 -25.17
C SER B 307 10.57 14.75 -23.94
N TYR B 308 10.07 15.67 -23.12
CA TYR B 308 9.34 15.31 -21.89
C TYR B 308 7.82 15.15 -22.10
N PRO B 309 7.26 13.97 -21.76
CA PRO B 309 5.91 13.58 -22.18
C PRO B 309 4.74 14.05 -21.30
N ILE B 310 4.99 14.46 -20.05
CA ILE B 310 3.91 14.83 -19.15
C ILE B 310 3.77 16.34 -19.04
N VAL B 311 2.85 16.92 -19.82
CA VAL B 311 2.61 18.37 -19.83
C VAL B 311 1.12 18.77 -19.93
N LEU B 312 0.69 19.70 -19.07
CA LEU B 312 -0.66 20.25 -19.20
C LEU B 312 -0.61 21.69 -19.71
N ALA B 313 -1.72 22.18 -20.23
CA ALA B 313 -1.86 23.60 -20.52
C ALA B 313 -3.01 24.08 -19.66
N THR B 314 -2.87 25.23 -19.00
CA THR B 314 -3.97 25.72 -18.18
C THR B 314 -4.69 26.85 -18.90
N TYR B 315 -6.01 26.71 -19.06
CA TYR B 315 -6.83 27.64 -19.83
C TYR B 315 -7.57 28.61 -18.95
N GLU B 316 -7.81 29.81 -19.43
CA GLU B 316 -8.87 30.62 -18.85
C GLU B 316 -10.15 30.49 -19.66
N ILE B 317 -11.24 30.21 -18.96
CA ILE B 317 -12.55 30.05 -19.56
C ILE B 317 -13.31 31.37 -19.39
N VAL B 318 -13.63 31.99 -20.52
CA VAL B 318 -14.24 33.31 -20.52
C VAL B 318 -15.44 33.36 -21.44
N CYS B 319 -16.27 34.39 -21.28
CA CYS B 319 -17.32 34.69 -22.22
C CYS B 319 -16.72 35.38 -23.45
N SER B 320 -17.05 34.92 -24.64
CA SER B 320 -16.83 35.72 -25.83
C SER B 320 -17.42 37.12 -25.62
N LYS B 321 -18.73 37.16 -25.43
CA LYS B 321 -19.45 38.40 -25.10
C LYS B 321 -20.03 38.28 -23.70
N TYR B 322 -19.51 39.12 -22.79
CA TYR B 322 -20.00 39.22 -21.42
C TYR B 322 -21.29 40.05 -21.29
N PRO B 323 -22.18 39.66 -20.36
CA PRO B 323 -23.38 40.44 -20.11
C PRO B 323 -23.08 41.87 -19.67
N ASP B 324 -22.09 42.07 -18.81
CA ASP B 324 -21.74 43.41 -18.34
C ASP B 324 -20.42 43.86 -19.00
N SER B 325 -20.48 44.96 -19.74
CA SER B 325 -19.32 45.62 -20.36
C SER B 325 -18.07 45.83 -19.48
N GLN B 326 -18.24 46.31 -18.25
CA GLN B 326 -17.12 46.61 -17.36
C GLN B 326 -16.35 45.34 -17.01
N VAL B 327 -17.06 44.21 -17.00
CA VAL B 327 -16.43 42.92 -16.73
C VAL B 327 -15.63 42.41 -17.93
N GLY B 328 -16.23 42.43 -19.12
CA GLY B 328 -15.57 41.94 -20.32
C GLY B 328 -14.36 42.76 -20.74
N THR B 329 -14.29 44.01 -20.28
CA THR B 329 -13.17 44.90 -20.56
C THR B 329 -11.99 44.65 -19.65
N ALA B 330 -12.28 44.43 -18.37
CA ALA B 330 -11.26 44.15 -17.39
C ALA B 330 -10.70 42.75 -17.61
N VAL B 331 -11.57 41.81 -18.00
CA VAL B 331 -11.11 40.45 -18.25
C VAL B 331 -10.15 40.43 -19.44
N LYS B 332 -10.49 41.18 -20.47
CA LYS B 332 -9.65 41.33 -21.66
C LYS B 332 -8.32 42.03 -21.31
N ALA B 333 -8.39 43.14 -20.58
CA ALA B 333 -7.21 43.83 -20.10
C ALA B 333 -6.30 42.88 -19.33
N PHE B 334 -6.83 42.18 -18.34
CA PHE B 334 -6.06 41.17 -17.63
C PHE B 334 -5.35 40.19 -18.56
N LEU B 335 -6.07 39.69 -19.56
CA LEU B 335 -5.57 38.64 -20.44
C LEU B 335 -4.63 39.20 -21.48
N GLN B 336 -4.86 40.43 -21.90
CA GLN B 336 -3.90 41.14 -22.75
C GLN B 336 -2.52 41.24 -22.12
N SER B 337 -2.50 41.63 -20.84
CA SER B 337 -1.29 41.70 -20.03
C SER B 337 -0.67 40.35 -19.77
N THR B 338 -1.49 39.40 -19.35
CA THR B 338 -1.03 38.07 -19.05
C THR B 338 -0.39 37.36 -20.25
N ILE B 339 -0.95 37.54 -21.44
CA ILE B 339 -0.38 36.88 -22.62
C ILE B 339 0.74 37.71 -23.27
N GLY B 340 0.86 38.96 -22.87
CA GLY B 340 1.95 39.78 -23.36
C GLY B 340 3.09 39.66 -22.37
N ALA B 341 3.34 40.74 -21.64
CA ALA B 341 4.44 40.84 -20.68
C ALA B 341 4.44 39.82 -19.54
N GLY B 342 3.27 39.30 -19.20
CA GLY B 342 3.12 38.38 -18.07
C GLY B 342 3.79 37.04 -18.31
N GLN B 343 4.48 36.93 -19.45
CA GLN B 343 5.09 35.69 -19.90
C GLN B 343 6.61 35.70 -19.76
N SER B 344 7.12 35.19 -18.65
CA SER B 344 8.56 35.04 -18.45
C SER B 344 8.78 33.77 -17.65
N GLY B 345 7.84 32.85 -17.86
CA GLY B 345 7.71 31.59 -17.15
C GLY B 345 8.94 30.76 -16.88
N LEU B 346 9.79 30.61 -17.90
CA LEU B 346 11.04 29.83 -17.81
C LEU B 346 11.75 30.04 -16.47
N GLY B 347 12.20 28.95 -15.88
CA GLY B 347 12.57 28.99 -14.48
C GLY B 347 11.46 28.25 -13.74
N ASP B 348 10.25 28.80 -13.81
CA ASP B 348 9.11 28.27 -13.07
C ASP B 348 8.03 27.56 -13.93
N ASN B 349 7.77 28.08 -15.14
CA ASN B 349 6.70 27.63 -16.02
C ASN B 349 7.18 27.62 -17.48
N GLY B 350 6.31 27.31 -18.43
CA GLY B 350 6.68 27.35 -19.85
C GLY B 350 5.79 28.28 -20.70
N TYR B 351 6.39 29.36 -21.23
CA TYR B 351 5.62 30.37 -21.97
C TYR B 351 5.00 29.82 -23.27
N ILE B 352 3.91 30.42 -23.72
CA ILE B 352 3.32 30.07 -25.01
C ILE B 352 4.31 30.32 -26.18
N PRO B 353 4.55 29.31 -27.04
CA PRO B 353 5.48 29.53 -28.16
C PRO B 353 4.89 30.46 -29.22
N ILE B 354 5.70 30.93 -30.17
CA ILE B 354 5.25 31.90 -31.18
C ILE B 354 4.21 31.37 -32.19
N PRO B 355 4.24 30.07 -32.56
CA PRO B 355 3.22 29.70 -33.56
C PRO B 355 1.77 29.80 -33.07
N ASP B 356 1.57 29.82 -31.76
CA ASP B 356 0.25 29.87 -31.15
C ASP B 356 -0.22 31.29 -30.81
N GLU B 357 0.74 32.21 -30.65
CA GLU B 357 0.49 33.54 -30.11
C GLU B 357 -0.38 34.44 -30.96
N PHE B 358 -0.38 34.23 -32.27
CA PHE B 358 -1.12 35.10 -33.15
C PHE B 358 -2.65 34.82 -33.08
N LYS B 359 -3.03 33.57 -32.86
CA LYS B 359 -4.44 33.21 -32.56
C LYS B 359 -4.88 33.69 -31.19
N SER B 360 -4.02 33.52 -30.20
CA SER B 360 -4.38 33.73 -28.80
C SER B 360 -4.54 35.20 -28.52
N ARG B 361 -3.67 36.00 -29.11
CA ARG B 361 -3.78 37.44 -29.01
C ARG B 361 -4.97 37.94 -29.78
N LEU B 362 -5.33 37.21 -30.83
CA LEU B 362 -6.42 37.64 -31.68
C LEU B 362 -7.78 37.39 -31.02
N SER B 363 -7.90 36.30 -30.26
CA SER B 363 -9.15 36.00 -29.56
C SER B 363 -9.31 36.82 -28.28
N THR B 364 -8.22 37.09 -27.57
CA THR B 364 -8.28 37.98 -26.41
C THR B 364 -8.71 39.38 -26.80
N ALA B 365 -8.34 39.80 -28.01
CA ALA B 365 -8.69 41.13 -28.48
C ALA B 365 -10.16 41.21 -28.89
N VAL B 366 -10.81 40.05 -29.00
CA VAL B 366 -12.19 39.96 -29.47
C VAL B 366 -13.19 39.78 -28.29
N ASN B 367 -12.69 39.59 -27.07
CA ASN B 367 -13.58 39.51 -25.91
C ASN B 367 -14.38 40.81 -25.77
N ALA B 368 -15.70 40.69 -25.83
CA ALA B 368 -16.59 41.84 -25.73
C ALA B 368 -17.72 41.60 -24.74
#